data_6OQ6
#
_entry.id   6OQ6
#
_cell.length_a   169.820
_cell.length_b   169.820
_cell.length_c   79.120
_cell.angle_alpha   90.00
_cell.angle_beta   90.00
_cell.angle_gamma   120.00
#
_symmetry.space_group_name_H-M   'P 61 2 2'
#
loop_
_entity.id
_entity.type
_entity.pdbx_description
1 polymer 'Toxin B'
2 polymer 5D
#
loop_
_entity_poly.entity_id
_entity_poly.type
_entity_poly.pdbx_seq_one_letter_code
_entity_poly.pdbx_strand_id
1 'polypeptide(L)'
;SLTTATTAIITSSLGIASGFSILLVPLAGISAGIPSLVNNELVLRDKATKVVDYFKHVSLVETEGVFTLLDDKVMMPQDD
LVISEIDFNNNSIVLGKCEIWRMEGGSGHTVTDDIDHFFSAPSITYREPHLSIYDVLEVQKEELDLSKDLMVLPNAPNRV
FAWETGWTPGLRSLENDGTKLLDRIRDNYEGEFYWRYFAFIADALITTLKPRYEDTNIRINLDSNTRSFIVPIITTEYIR
EKLSYSFYGSGGTYALSLSQYNMGINIELSESDVWIIDVDNVVRDVTIESDKIKKGDLIEGILSTLSIEENKIILNSHEI
NFSGEVNGSNGFVSLTFSILEGINAIIEVDLLSKSYKLLISGE
;
A
2 'polypeptide(L)'
;SNSQVQLVESGGGLVQPGGSLRLSCEASGFTLDYYGIGWFRQPPGKEREAVSYISASARTILYADSVKGRFTISRDNAKN
AVYLQMNSLKREDTAVYYCARRRFSASSVNRWLADDYDVWGRGTQVAVSSEPKTPKPQTSGAPVPYPDPLEPR
;
D
#
# COMPACT_ATOMS: atom_id res chain seq x y z
N PHE A 20 19.38 11.98 0.55
CA PHE A 20 19.86 10.74 1.22
C PHE A 20 19.13 10.54 2.55
N SER A 21 19.79 9.83 3.47
CA SER A 21 19.34 9.59 4.82
C SER A 21 17.97 8.91 4.82
N ILE A 22 17.81 7.93 3.93
CA ILE A 22 16.63 7.08 3.83
C ILE A 22 16.40 6.40 5.18
N LEU A 23 17.36 6.60 6.10
CA LEU A 23 17.31 6.07 7.46
C LEU A 23 16.76 7.11 8.45
N LEU A 24 16.71 8.38 8.05
CA LEU A 24 16.16 9.46 8.86
C LEU A 24 14.63 9.40 8.81
N VAL A 25 14.11 8.85 7.71
CA VAL A 25 12.68 8.76 7.45
C VAL A 25 12.14 7.48 8.10
N PRO A 26 11.08 7.58 8.94
CA PRO A 26 10.42 6.40 9.51
C PRO A 26 9.60 5.66 8.47
N LEU A 27 9.20 4.44 8.84
CA LEU A 27 8.39 3.58 7.99
C LEU A 27 6.92 3.94 8.25
N ALA A 28 6.13 3.94 7.18
CA ALA A 28 4.69 4.10 7.33
C ALA A 28 4.21 3.14 8.42
N GLY A 29 3.45 3.70 9.37
CA GLY A 29 2.69 2.92 10.32
C GLY A 29 3.35 2.84 11.69
N ILE A 30 4.50 3.53 11.82
CA ILE A 30 5.32 3.42 13.01
C ILE A 30 4.58 4.06 14.19
N SER A 31 3.83 5.12 13.89
CA SER A 31 3.09 5.91 14.86
C SER A 31 1.61 5.54 14.82
N ALA A 32 1.03 5.59 13.61
CA ALA A 32 -0.39 5.37 13.40
C ALA A 32 -0.75 3.91 13.70
N GLY A 33 0.20 3.01 13.47
CA GLY A 33 -0.08 1.59 13.58
C GLY A 33 -0.25 0.96 12.20
N ILE A 34 0.05 -0.33 12.11
CA ILE A 34 -0.15 -1.12 10.91
C ILE A 34 -1.38 -1.99 11.13
N PRO A 35 -2.35 -2.01 10.19
CA PRO A 35 -3.53 -2.86 10.33
C PRO A 35 -3.16 -4.32 10.11
N SER A 36 -3.96 -5.24 10.66
CA SER A 36 -3.67 -6.64 10.44
C SER A 36 -4.97 -7.42 10.22
N LEU A 37 -4.83 -8.74 10.06
CA LEU A 37 -6.00 -9.60 9.90
C LEU A 37 -6.02 -10.57 11.07
N VAL A 38 -7.05 -10.48 11.92
CA VAL A 38 -7.05 -11.27 13.14
C VAL A 38 -8.11 -12.35 13.05
N ASN A 39 -9.26 -11.99 12.50
CA ASN A 39 -10.26 -13.03 12.30
C ASN A 39 -10.86 -12.88 10.92
N ASN A 40 -9.98 -12.92 9.91
CA ASN A 40 -10.45 -12.89 8.55
C ASN A 40 -11.04 -11.50 8.27
N GLU A 41 -10.57 -10.51 9.05
CA GLU A 41 -11.04 -9.14 8.94
C GLU A 41 -9.88 -8.20 9.28
N LEU A 42 -9.76 -7.10 8.53
CA LEU A 42 -8.76 -6.05 8.74
C LEU A 42 -9.12 -5.25 9.98
N VAL A 43 -8.17 -5.12 10.91
CA VAL A 43 -8.41 -4.57 12.22
C VAL A 43 -7.24 -3.63 12.51
N LEU A 44 -7.52 -2.34 12.72
CA LEU A 44 -6.45 -1.40 12.96
C LEU A 44 -6.18 -1.32 14.46
N ARG A 45 -7.21 -1.53 15.27
CA ARG A 45 -7.10 -1.55 16.72
C ARG A 45 -8.12 -2.54 17.28
N ASP A 46 -7.88 -3.09 18.47
CA ASP A 46 -8.67 -4.23 18.91
C ASP A 46 -9.08 -4.10 20.38
N LYS A 47 -8.48 -3.10 21.06
CA LYS A 47 -8.81 -2.81 22.44
C LYS A 47 -9.25 -1.35 22.53
N ALA A 48 -10.35 -1.12 23.27
CA ALA A 48 -11.01 0.16 23.40
C ALA A 48 -10.00 1.24 23.73
N THR A 49 -9.24 0.99 24.80
CA THR A 49 -8.14 1.82 25.23
C THR A 49 -7.29 2.19 24.03
N LYS A 50 -6.88 1.17 23.29
CA LYS A 50 -5.95 1.34 22.19
C LYS A 50 -6.62 2.09 21.03
N VAL A 51 -7.93 1.92 20.87
CA VAL A 51 -8.69 2.66 19.87
C VAL A 51 -8.49 4.15 20.13
N VAL A 52 -8.70 4.55 21.39
CA VAL A 52 -8.59 5.93 21.82
C VAL A 52 -7.27 6.52 21.32
N ASP A 53 -6.16 5.81 21.60
CA ASP A 53 -4.84 6.33 21.28
C ASP A 53 -4.74 6.68 19.80
N TYR A 54 -5.42 5.90 18.96
CA TYR A 54 -5.37 6.14 17.53
C TYR A 54 -5.94 7.53 17.25
N PHE A 55 -7.14 7.79 17.77
CA PHE A 55 -7.73 9.11 17.68
C PHE A 55 -6.78 10.15 18.26
N LYS A 56 -6.30 9.88 19.48
CA LYS A 56 -5.25 10.72 20.05
C LYS A 56 -4.19 10.99 18.99
N HIS A 57 -3.78 9.95 18.26
CA HIS A 57 -2.80 10.12 17.20
C HIS A 57 -3.35 11.01 16.08
N VAL A 58 -4.56 10.70 15.61
CA VAL A 58 -5.16 11.40 14.48
C VAL A 58 -5.19 12.90 14.78
N SER A 59 -5.44 13.21 16.06
CA SER A 59 -5.75 14.56 16.49
C SER A 59 -4.55 15.48 16.32
N LEU A 60 -3.36 14.89 16.10
CA LEU A 60 -2.11 15.64 16.09
C LEU A 60 -2.00 16.51 14.85
N VAL A 61 -2.88 16.28 13.87
CA VAL A 61 -2.88 17.06 12.65
C VAL A 61 -3.35 18.48 12.95
N GLU A 62 -4.13 18.63 14.03
CA GLU A 62 -4.60 19.92 14.52
C GLU A 62 -3.51 20.56 15.38
N THR A 63 -2.92 19.74 16.26
CA THR A 63 -1.97 20.18 17.27
C THR A 63 -0.64 20.55 16.63
N GLU A 64 -0.10 19.65 15.81
CA GLU A 64 1.23 19.78 15.23
C GLU A 64 1.17 20.38 13.83
N GLY A 65 0.18 19.94 13.04
CA GLY A 65 0.05 20.38 11.66
C GLY A 65 0.05 19.21 10.68
N VAL A 66 -0.16 19.50 9.39
CA VAL A 66 -0.21 18.46 8.37
C VAL A 66 1.17 17.81 8.31
N PHE A 67 2.19 18.65 8.17
CA PHE A 67 3.55 18.18 8.00
C PHE A 67 4.34 18.38 9.28
N THR A 68 5.20 17.40 9.57
CA THR A 68 6.17 17.45 10.65
C THR A 68 7.55 17.50 10.02
N LEU A 69 8.50 18.15 10.71
CA LEU A 69 9.85 18.35 10.18
C LEU A 69 10.81 17.34 10.78
N LEU A 70 11.43 16.53 9.91
CA LEU A 70 12.54 15.69 10.30
C LEU A 70 13.82 16.47 10.03
N ASP A 71 14.35 17.07 11.10
CA ASP A 71 15.72 17.59 11.11
C ASP A 71 15.86 18.78 10.17
N ASP A 72 14.81 19.63 10.10
CA ASP A 72 14.90 20.91 9.41
C ASP A 72 14.94 20.72 7.89
N LYS A 73 14.95 19.47 7.42
CA LYS A 73 15.27 19.26 6.02
C LYS A 73 14.13 18.53 5.32
N VAL A 74 13.45 17.64 6.05
CA VAL A 74 12.46 16.76 5.45
C VAL A 74 11.09 17.05 6.05
N MET A 75 10.14 17.39 5.17
CA MET A 75 8.73 17.53 5.51
C MET A 75 8.04 16.19 5.35
N MET A 76 7.44 15.72 6.45
CA MET A 76 6.77 14.43 6.43
C MET A 76 5.33 14.61 6.89
N PRO A 77 4.33 14.21 6.07
CA PRO A 77 2.93 14.18 6.50
C PRO A 77 2.70 13.24 7.67
N GLN A 78 1.68 13.55 8.48
CA GLN A 78 1.32 12.75 9.64
C GLN A 78 1.05 11.31 9.21
N ASP A 79 1.44 10.36 10.06
CA ASP A 79 1.33 8.96 9.73
C ASP A 79 -0.15 8.59 9.59
N ASP A 80 -0.51 8.05 8.42
CA ASP A 80 -1.84 7.51 8.13
C ASP A 80 -2.87 8.64 7.96
N LEU A 81 -2.38 9.87 7.75
CA LEU A 81 -3.26 10.98 7.40
C LEU A 81 -3.49 10.95 5.89
N VAL A 82 -4.76 10.83 5.50
CA VAL A 82 -5.14 10.70 4.11
C VAL A 82 -5.05 12.08 3.45
N ILE A 83 -4.14 12.23 2.48
CA ILE A 83 -4.00 13.47 1.72
C ILE A 83 -4.19 13.17 0.25
N SER A 84 -5.17 13.83 -0.38
CA SER A 84 -5.53 13.52 -1.76
C SER A 84 -4.96 14.54 -2.73
N GLU A 85 -4.36 15.61 -2.21
CA GLU A 85 -3.79 16.63 -3.08
C GLU A 85 -2.74 17.44 -2.34
N ILE A 86 -1.61 17.67 -3.01
CA ILE A 86 -0.62 18.65 -2.61
C ILE A 86 -0.40 19.58 -3.80
N ASP A 87 -0.56 20.89 -3.55
CA ASP A 87 -0.53 21.89 -4.61
C ASP A 87 0.50 22.97 -4.26
N PHE A 88 1.62 22.95 -4.99
CA PHE A 88 2.74 23.85 -4.76
C PHE A 88 2.45 25.23 -5.37
N ASN A 89 1.36 25.32 -6.12
CA ASN A 89 0.97 26.58 -6.74
C ASN A 89 0.11 27.38 -5.76
N ASN A 90 -0.75 26.67 -5.00
CA ASN A 90 -1.69 27.32 -4.11
C ASN A 90 -1.16 27.33 -2.68
N ASN A 91 -0.11 26.54 -2.42
CA ASN A 91 0.39 26.27 -1.07
C ASN A 91 -0.72 25.62 -0.25
N SER A 92 -1.36 24.60 -0.83
CA SER A 92 -2.55 24.02 -0.22
C SER A 92 -2.52 22.50 -0.35
N ILE A 93 -3.25 21.84 0.56
CA ILE A 93 -3.49 20.41 0.44
C ILE A 93 -5.00 20.16 0.54
N VAL A 94 -5.41 18.97 0.13
CA VAL A 94 -6.79 18.53 0.26
C VAL A 94 -6.77 17.17 0.96
N LEU A 95 -7.58 17.05 2.02
CA LEU A 95 -7.62 15.79 2.75
C LEU A 95 -8.49 14.80 1.99
N GLY A 96 -8.18 13.51 2.15
CA GLY A 96 -8.94 12.43 1.56
C GLY A 96 -9.93 11.84 2.56
N LYS A 97 -10.57 10.73 2.17
CA LYS A 97 -11.73 10.20 2.87
C LYS A 97 -11.29 9.45 4.14
N CYS A 98 -11.81 9.92 5.28
CA CYS A 98 -11.65 9.25 6.56
C CYS A 98 -12.97 9.29 7.34
N GLU A 99 -13.80 8.27 7.11
CA GLU A 99 -15.14 8.17 7.66
C GLU A 99 -15.25 6.99 8.63
N ILE A 100 -16.39 6.94 9.33
CA ILE A 100 -16.69 5.93 10.33
C ILE A 100 -18.20 5.69 10.32
N TRP A 101 -18.60 4.45 10.61
CA TRP A 101 -19.98 4.02 10.51
C TRP A 101 -20.85 4.79 11.49
N ARG A 102 -22.06 5.16 11.07
CA ARG A 102 -22.94 5.99 11.88
C ARG A 102 -23.87 5.09 12.69
N MET A 103 -24.33 5.61 13.85
CA MET A 103 -25.26 4.93 14.74
C MET A 103 -26.68 5.42 14.49
N GLU A 104 -27.67 4.66 14.95
CA GLU A 104 -29.03 5.09 14.71
C GLU A 104 -29.99 4.27 15.56
N GLY A 105 -30.82 4.97 16.36
CA GLY A 105 -31.94 4.35 17.05
C GLY A 105 -31.66 4.10 18.53
N GLY A 106 -31.14 5.11 19.22
CA GLY A 106 -31.10 5.07 20.67
C GLY A 106 -32.47 5.45 21.25
N SER A 107 -32.73 5.02 22.49
CA SER A 107 -33.91 5.48 23.21
C SER A 107 -33.59 5.73 24.68
N GLY A 108 -34.07 6.86 25.20
CA GLY A 108 -33.90 7.20 26.60
C GLY A 108 -32.53 7.78 26.89
N HIS A 109 -32.03 8.60 25.97
CA HIS A 109 -30.74 9.24 26.11
C HIS A 109 -30.78 10.33 27.18
N THR A 110 -29.75 10.34 28.03
CA THR A 110 -29.49 11.39 29.01
C THR A 110 -27.98 11.64 29.03
N VAL A 111 -27.58 12.77 29.64
CA VAL A 111 -26.19 12.95 30.03
C VAL A 111 -26.12 12.93 31.55
N THR A 112 -25.62 11.79 32.06
CA THR A 112 -25.45 11.53 33.48
C THR A 112 -23.96 11.41 33.79
N ASP A 113 -23.45 12.42 34.52
CA ASP A 113 -22.09 12.47 35.01
C ASP A 113 -21.10 12.50 33.84
N ASP A 114 -21.46 13.25 32.79
CA ASP A 114 -20.67 13.51 31.59
C ASP A 114 -20.67 12.31 30.65
N ILE A 115 -21.28 11.21 31.08
CA ILE A 115 -21.38 10.00 30.28
C ILE A 115 -22.82 9.88 29.76
N ASP A 116 -22.95 9.54 28.48
CA ASP A 116 -24.24 9.36 27.85
C ASP A 116 -24.89 8.09 28.37
N HIS A 117 -26.17 8.18 28.74
CA HIS A 117 -26.95 7.04 29.20
C HIS A 117 -28.09 6.78 28.23
N PHE A 118 -28.48 5.50 28.10
CA PHE A 118 -29.55 5.05 27.21
C PHE A 118 -30.31 3.93 27.90
N PHE A 119 -31.62 3.86 27.67
CA PHE A 119 -32.34 2.66 28.03
C PHE A 119 -32.09 1.57 26.99
N SER A 120 -32.39 1.88 25.72
CA SER A 120 -32.11 1.00 24.59
C SER A 120 -30.92 1.58 23.84
N ALA A 121 -29.83 0.80 23.75
CA ALA A 121 -28.57 1.27 23.20
C ALA A 121 -28.70 1.49 21.70
N PRO A 122 -27.97 2.47 21.10
CA PRO A 122 -28.01 2.68 19.66
C PRO A 122 -27.29 1.56 18.90
N SER A 123 -27.69 1.36 17.63
CA SER A 123 -27.08 0.33 16.80
C SER A 123 -26.16 0.98 15.78
N ILE A 124 -24.97 0.40 15.62
CA ILE A 124 -24.05 0.81 14.58
C ILE A 124 -24.54 0.19 13.28
N THR A 125 -24.37 0.88 12.15
CA THR A 125 -24.88 0.34 10.91
C THR A 125 -23.94 0.69 9.76
N TYR A 126 -23.93 -0.17 8.74
CA TYR A 126 -23.06 0.01 7.59
C TYR A 126 -23.74 0.84 6.51
N ARG A 127 -25.00 1.22 6.73
CA ARG A 127 -25.79 1.90 5.73
C ARG A 127 -25.10 3.19 5.28
N GLU A 128 -25.07 3.38 3.95
CA GLU A 128 -24.19 4.28 3.19
C GLU A 128 -23.93 5.66 3.80
N PRO A 129 -24.87 6.42 4.42
CA PRO A 129 -24.47 7.69 5.02
C PRO A 129 -23.45 7.38 6.12
N HIS A 130 -22.21 7.81 5.92
CA HIS A 130 -21.14 7.61 6.89
C HIS A 130 -20.75 8.98 7.46
N LEU A 131 -20.14 8.98 8.66
CA LEU A 131 -19.76 10.24 9.28
C LEU A 131 -18.28 10.49 8.98
N SER A 132 -17.94 11.75 8.67
CA SER A 132 -16.56 12.11 8.36
C SER A 132 -15.82 12.54 9.62
N ILE A 133 -14.67 11.91 9.88
CA ILE A 133 -13.83 12.25 11.01
C ILE A 133 -13.09 13.55 10.70
N TYR A 134 -12.67 13.68 9.44
CA TYR A 134 -11.82 14.79 9.03
C TYR A 134 -12.58 16.10 9.07
N ASP A 135 -13.90 16.05 8.84
CA ASP A 135 -14.73 17.24 8.84
C ASP A 135 -14.73 17.90 10.22
N VAL A 136 -14.62 17.07 11.26
CA VAL A 136 -14.69 17.50 12.65
C VAL A 136 -13.34 18.06 13.07
N LEU A 137 -12.38 18.09 12.13
CA LEU A 137 -11.03 18.53 12.43
C LEU A 137 -10.85 19.97 11.98
N GLU A 138 -10.05 20.72 12.75
CA GLU A 138 -9.68 22.09 12.46
C GLU A 138 -8.22 22.10 12.02
N VAL A 139 -8.00 22.12 10.69
CA VAL A 139 -6.67 22.00 10.13
C VAL A 139 -6.42 23.14 9.15
N GLN A 140 -5.18 23.67 9.19
CA GLN A 140 -4.72 24.61 8.19
C GLN A 140 -4.22 23.82 6.99
N LYS A 141 -4.98 23.94 5.89
CA LYS A 141 -4.73 23.21 4.66
C LYS A 141 -4.36 24.22 3.57
N GLU A 142 -4.30 25.48 3.98
CA GLU A 142 -4.08 26.60 3.08
C GLU A 142 -3.05 27.54 3.70
N GLU A 143 -2.37 28.29 2.82
CA GLU A 143 -1.25 29.15 3.20
C GLU A 143 -0.21 28.34 3.94
N LEU A 144 0.15 27.19 3.35
CA LEU A 144 1.08 26.26 3.98
C LEU A 144 2.50 26.67 3.63
N ASP A 145 3.45 26.16 4.41
CA ASP A 145 4.86 26.48 4.23
C ASP A 145 5.56 25.26 3.63
N LEU A 146 5.63 25.22 2.30
CA LEU A 146 6.24 24.12 1.58
C LEU A 146 7.55 24.61 0.98
N SER A 147 8.31 25.38 1.78
CA SER A 147 9.58 25.95 1.36
C SER A 147 10.65 24.86 1.27
N LYS A 148 10.59 23.89 2.19
CA LYS A 148 11.53 22.78 2.24
C LYS A 148 11.55 22.07 0.89
N ASP A 149 12.75 21.68 0.46
CA ASP A 149 12.94 20.97 -0.80
C ASP A 149 12.63 19.48 -0.62
N LEU A 150 12.68 19.00 0.63
CA LEU A 150 12.53 17.59 0.94
C LEU A 150 11.16 17.28 1.53
N MET A 151 10.41 16.39 0.86
CA MET A 151 9.09 16.04 1.34
C MET A 151 8.80 14.57 1.06
N VAL A 152 8.44 13.85 2.13
CA VAL A 152 7.89 12.50 2.03
C VAL A 152 6.50 12.63 1.39
N LEU A 153 6.20 11.73 0.45
CA LEU A 153 4.85 11.64 -0.10
C LEU A 153 3.93 10.98 0.93
N PRO A 154 2.62 11.32 0.94
CA PRO A 154 1.67 10.74 1.89
C PRO A 154 1.58 9.21 1.77
N ASN A 155 1.12 8.57 2.85
CA ASN A 155 1.18 7.12 2.95
C ASN A 155 -0.19 6.52 3.29
N ALA A 156 -1.23 7.36 3.26
CA ALA A 156 -2.51 6.91 3.77
C ALA A 156 -3.57 6.90 2.66
N PRO A 157 -4.22 5.75 2.40
CA PRO A 157 -5.34 5.68 1.47
C PRO A 157 -6.68 6.07 2.12
N ASN A 158 -7.66 6.42 1.27
CA ASN A 158 -9.04 6.65 1.68
C ASN A 158 -9.52 5.43 2.46
N ARG A 159 -10.24 5.67 3.58
CA ARG A 159 -10.81 4.56 4.33
C ARG A 159 -12.15 4.93 4.95
N VAL A 160 -12.93 3.89 5.24
CA VAL A 160 -14.17 3.98 5.96
C VAL A 160 -14.11 2.95 7.08
N PHE A 161 -13.98 3.43 8.32
CA PHE A 161 -13.82 2.55 9.47
C PHE A 161 -15.16 1.92 9.84
N ALA A 162 -15.19 0.59 9.88
CA ALA A 162 -16.21 -0.09 10.65
C ALA A 162 -15.77 -0.02 12.11
N TRP A 163 -16.67 -0.37 13.02
CA TRP A 163 -16.30 -0.50 14.42
C TRP A 163 -17.38 -1.26 15.15
N GLU A 164 -17.07 -1.63 16.40
CA GLU A 164 -18.09 -2.18 17.28
C GLU A 164 -17.74 -1.77 18.70
N THR A 165 -18.76 -1.81 19.55
CA THR A 165 -18.56 -1.56 20.96
C THR A 165 -18.61 -2.89 21.71
N GLY A 166 -18.13 -2.84 22.94
CA GLY A 166 -18.17 -3.98 23.83
C GLY A 166 -18.29 -3.48 25.27
N TRP A 167 -18.93 -4.30 26.11
CA TRP A 167 -19.09 -3.96 27.51
C TRP A 167 -17.72 -3.86 28.17
N THR A 168 -17.36 -2.62 28.52
CA THR A 168 -16.06 -2.25 29.04
C THR A 168 -16.26 -1.44 30.32
N PRO A 169 -16.19 -2.08 31.52
CA PRO A 169 -16.31 -1.35 32.78
C PRO A 169 -15.13 -0.40 33.01
N GLY A 170 -15.40 0.68 33.76
CA GLY A 170 -14.39 1.41 34.52
C GLY A 170 -13.52 2.34 33.69
N LEU A 171 -14.05 2.82 32.55
CA LEU A 171 -13.27 3.67 31.66
C LEU A 171 -13.95 5.02 31.46
N ARG A 172 -14.70 5.46 32.48
CA ARG A 172 -15.26 6.80 32.46
C ARG A 172 -14.18 7.80 32.88
N SER A 173 -13.10 7.27 33.48
CA SER A 173 -11.94 8.05 33.93
C SER A 173 -11.10 8.50 32.74
N LEU A 174 -11.25 7.79 31.62
CA LEU A 174 -10.42 7.98 30.43
C LEU A 174 -10.65 9.37 29.85
N GLU A 175 -9.57 10.16 29.78
CA GLU A 175 -9.62 11.49 29.18
C GLU A 175 -8.25 11.85 28.61
N ASN A 176 -8.24 12.27 27.34
CA ASN A 176 -7.07 12.68 26.59
C ASN A 176 -7.53 13.29 25.27
N ASP A 177 -6.56 13.68 24.43
CA ASP A 177 -6.86 14.32 23.16
C ASP A 177 -7.69 13.37 22.30
N GLY A 178 -7.62 12.07 22.62
CA GLY A 178 -8.35 11.05 21.89
C GLY A 178 -9.84 11.03 22.24
N THR A 179 -10.11 10.93 23.55
CA THR A 179 -11.47 10.96 24.08
C THR A 179 -12.13 12.28 23.70
N LYS A 180 -11.34 13.36 23.70
CA LYS A 180 -11.80 14.69 23.37
C LYS A 180 -12.28 14.73 21.91
N LEU A 181 -11.44 14.24 20.98
CA LEU A 181 -11.82 14.20 19.58
C LEU A 181 -13.03 13.28 19.40
N LEU A 182 -13.03 12.15 20.11
CA LEU A 182 -14.14 11.22 20.02
C LEU A 182 -15.42 11.89 20.47
N ASP A 183 -15.34 12.63 21.59
CA ASP A 183 -16.47 13.38 22.15
C ASP A 183 -16.94 14.42 21.13
N ARG A 184 -15.99 15.09 20.49
CA ARG A 184 -16.28 16.15 19.53
C ARG A 184 -17.07 15.58 18.35
N ILE A 185 -16.75 14.34 17.96
CA ILE A 185 -17.44 13.71 16.85
C ILE A 185 -18.87 13.42 17.27
N ARG A 186 -19.06 13.03 18.53
CA ARG A 186 -20.38 12.69 19.05
C ARG A 186 -21.28 13.92 18.92
N ASP A 187 -20.76 15.04 19.45
CA ASP A 187 -21.47 16.30 19.54
C ASP A 187 -21.75 16.82 18.14
N ASN A 188 -20.79 16.62 17.23
CA ASN A 188 -20.87 17.13 15.87
C ASN A 188 -21.99 16.45 15.11
N TYR A 189 -22.23 15.16 15.40
CA TYR A 189 -23.22 14.38 14.69
C TYR A 189 -24.27 13.88 15.68
N GLU A 190 -25.09 14.82 16.18
CA GLU A 190 -25.94 14.59 17.34
C GLU A 190 -26.80 13.35 17.10
N GLY A 191 -26.65 12.36 18.00
CA GLY A 191 -27.47 11.16 18.01
C GLY A 191 -27.12 10.17 16.91
N GLU A 192 -25.86 10.21 16.43
CA GLU A 192 -25.41 9.34 15.34
C GLU A 192 -24.09 8.66 15.69
N PHE A 193 -23.48 9.05 16.82
CA PHE A 193 -22.17 8.54 17.19
C PHE A 193 -22.02 8.57 18.70
N TYR A 194 -21.79 7.41 19.30
CA TYR A 194 -21.59 7.32 20.74
C TYR A 194 -20.51 6.30 21.03
N TRP A 195 -19.34 6.77 21.46
CA TRP A 195 -18.17 5.93 21.61
C TRP A 195 -18.06 5.39 23.03
N ARG A 196 -18.72 6.07 23.98
CA ARG A 196 -18.77 5.65 25.37
C ARG A 196 -20.18 5.91 25.88
N TYR A 197 -20.82 4.91 26.49
CA TYR A 197 -22.19 5.07 26.96
C TYR A 197 -22.63 3.93 27.88
N PHE A 198 -23.66 4.20 28.68
CA PHE A 198 -24.20 3.17 29.54
C PHE A 198 -25.57 2.78 28.98
N ALA A 199 -25.87 1.47 28.90
CA ALA A 199 -27.13 1.01 28.34
C ALA A 199 -27.61 -0.22 29.07
N PHE A 200 -28.89 -0.22 29.49
CA PHE A 200 -29.42 -1.32 30.26
C PHE A 200 -28.42 -1.47 31.40
N ILE A 201 -27.77 -2.64 31.53
CA ILE A 201 -26.80 -2.97 32.59
C ILE A 201 -25.46 -2.21 32.72
N ALA A 202 -24.48 -2.31 31.80
CA ALA A 202 -23.20 -1.70 32.12
C ALA A 202 -22.82 -0.78 30.99
N ASP A 203 -21.63 -0.17 31.15
CA ASP A 203 -20.93 0.72 30.23
C ASP A 203 -20.35 -0.02 29.02
N ALA A 204 -20.60 0.54 27.83
CA ALA A 204 -20.13 0.05 26.54
C ALA A 204 -19.15 1.04 25.92
N LEU A 205 -18.09 0.51 25.28
CA LEU A 205 -17.12 1.35 24.58
C LEU A 205 -16.73 0.72 23.26
N ILE A 206 -16.40 1.59 22.29
CA ILE A 206 -15.81 1.19 21.03
C ILE A 206 -14.56 0.39 21.35
N THR A 207 -14.51 -0.85 20.85
CA THR A 207 -13.44 -1.77 21.20
C THR A 207 -12.52 -2.03 19.99
N THR A 208 -13.07 -1.92 18.78
CA THR A 208 -12.35 -2.35 17.58
C THR A 208 -12.52 -1.35 16.43
N LEU A 209 -11.41 -1.03 15.78
CA LEU A 209 -11.37 -0.20 14.57
C LEU A 209 -11.07 -1.11 13.39
N LYS A 210 -12.02 -1.22 12.45
CA LYS A 210 -11.90 -2.15 11.35
C LYS A 210 -11.98 -1.40 10.03
N PRO A 211 -10.82 -0.88 9.50
CA PRO A 211 -10.82 -0.04 8.31
C PRO A 211 -11.23 -0.76 7.03
N ARG A 212 -11.72 0.02 6.07
CA ARG A 212 -11.93 -0.44 4.71
C ARG A 212 -11.28 0.57 3.77
N TYR A 213 -10.02 0.29 3.46
CA TYR A 213 -9.18 1.10 2.58
C TYR A 213 -9.72 1.03 1.16
N GLU A 214 -9.49 2.11 0.40
CA GLU A 214 -10.06 2.28 -0.91
C GLU A 214 -8.99 2.86 -1.82
N ASP A 215 -9.15 2.63 -3.13
CA ASP A 215 -8.22 3.17 -4.10
C ASP A 215 -8.17 4.68 -3.98
N THR A 216 -6.96 5.23 -3.95
CA THR A 216 -6.75 6.62 -3.62
C THR A 216 -5.66 7.19 -4.52
N ASN A 217 -6.03 8.18 -5.34
CA ASN A 217 -5.08 8.81 -6.23
C ASN A 217 -4.63 10.13 -5.62
N ILE A 218 -3.36 10.19 -5.18
CA ILE A 218 -2.82 11.42 -4.64
C ILE A 218 -2.25 12.25 -5.79
N ARG A 219 -2.76 13.49 -5.92
CA ARG A 219 -2.41 14.37 -7.01
C ARG A 219 -1.41 15.42 -6.51
N ILE A 220 -0.33 15.63 -7.29
CA ILE A 220 0.68 16.59 -6.89
C ILE A 220 0.90 17.59 -8.02
N ASN A 221 0.48 18.83 -7.76
CA ASN A 221 0.63 19.91 -8.71
C ASN A 221 1.92 20.65 -8.39
N LEU A 222 2.86 20.65 -9.36
CA LEU A 222 4.22 21.11 -9.16
C LEU A 222 4.37 22.53 -9.68
N ASP A 223 5.17 23.34 -8.97
CA ASP A 223 5.55 24.66 -9.43
C ASP A 223 6.86 24.58 -10.24
N SER A 224 7.47 25.73 -10.51
CA SER A 224 8.63 25.76 -11.39
C SER A 224 9.94 25.69 -10.59
N ASN A 225 9.82 25.43 -9.28
CA ASN A 225 10.96 25.37 -8.37
C ASN A 225 11.61 23.99 -8.41
N THR A 226 12.57 23.78 -7.50
CA THR A 226 13.24 22.51 -7.32
C THR A 226 12.64 21.80 -6.09
N ARG A 227 12.06 20.62 -6.33
CA ARG A 227 11.42 19.86 -5.27
C ARG A 227 11.92 18.41 -5.31
N SER A 228 12.02 17.81 -4.12
CA SER A 228 12.47 16.43 -3.98
C SER A 228 11.46 15.64 -3.14
N PHE A 229 11.09 14.46 -3.67
CA PHE A 229 10.06 13.63 -3.07
C PHE A 229 10.61 12.24 -2.76
N ILE A 230 10.32 11.76 -1.55
CA ILE A 230 10.65 10.41 -1.14
C ILE A 230 9.37 9.60 -1.05
N VAL A 231 9.27 8.53 -1.84
CA VAL A 231 8.20 7.57 -1.71
C VAL A 231 8.31 6.95 -0.32
N PRO A 232 7.21 6.92 0.48
CA PRO A 232 7.24 6.33 1.82
C PRO A 232 7.44 4.82 1.73
N ILE A 233 8.04 4.25 2.77
CA ILE A 233 8.22 2.81 2.77
C ILE A 233 7.01 2.17 3.46
N ILE A 234 6.15 1.57 2.65
CA ILE A 234 4.93 0.96 3.13
C ILE A 234 5.05 -0.56 2.97
N THR A 235 5.31 -1.26 4.08
CA THR A 235 5.63 -2.68 4.03
C THR A 235 4.41 -3.51 3.63
N THR A 236 3.25 -3.23 4.22
CA THR A 236 2.03 -3.97 3.91
C THR A 236 1.68 -3.78 2.44
N GLU A 237 1.58 -4.89 1.70
CA GLU A 237 1.45 -4.80 0.25
C GLU A 237 0.06 -4.28 -0.12
N TYR A 238 -0.97 -4.77 0.59
CA TYR A 238 -2.36 -4.45 0.32
C TYR A 238 -2.58 -2.94 0.31
N ILE A 239 -2.20 -2.32 1.43
CA ILE A 239 -2.37 -0.89 1.60
C ILE A 239 -1.57 -0.15 0.54
N ARG A 240 -0.32 -0.57 0.36
CA ARG A 240 0.64 0.03 -0.57
C ARG A 240 -0.02 0.25 -1.93
N GLU A 241 -0.78 -0.75 -2.36
CA GLU A 241 -1.17 -0.82 -3.75
C GLU A 241 -2.51 -0.13 -3.97
N LYS A 242 -3.09 0.41 -2.89
CA LYS A 242 -4.30 1.23 -3.00
C LYS A 242 -3.90 2.62 -3.49
N LEU A 243 -2.68 3.05 -3.13
CA LEU A 243 -2.17 4.36 -3.48
C LEU A 243 -1.76 4.38 -4.95
N SER A 244 -1.79 5.59 -5.52
CA SER A 244 -1.15 5.90 -6.78
C SER A 244 -0.91 7.40 -6.83
N TYR A 245 0.31 7.79 -7.21
CA TYR A 245 0.66 9.20 -7.30
C TYR A 245 0.51 9.68 -8.73
N SER A 246 -0.04 10.89 -8.88
CA SER A 246 -0.13 11.57 -10.17
C SER A 246 0.55 12.93 -10.07
N PHE A 247 1.71 13.05 -10.71
CA PHE A 247 2.48 14.29 -10.76
C PHE A 247 2.11 15.07 -12.02
N TYR A 248 2.02 16.39 -11.86
CA TYR A 248 1.79 17.32 -12.95
C TYR A 248 2.87 18.39 -12.88
N GLY A 249 3.90 18.27 -13.74
CA GLY A 249 5.01 19.20 -13.76
C GLY A 249 4.64 20.49 -14.47
N SER A 250 5.39 21.58 -14.19
CA SER A 250 5.16 22.88 -14.80
C SER A 250 6.48 23.58 -15.11
N GLY A 251 7.49 22.79 -15.48
CA GLY A 251 8.74 23.31 -16.02
C GLY A 251 9.84 23.50 -14.97
N GLY A 252 9.86 22.63 -13.96
CA GLY A 252 10.81 22.77 -12.87
C GLY A 252 11.91 21.70 -12.90
N THR A 253 12.38 21.34 -11.69
CA THR A 253 13.38 20.31 -11.47
C THR A 253 12.92 19.39 -10.34
N TYR A 254 12.61 18.16 -10.70
CA TYR A 254 11.89 17.27 -9.80
C TYR A 254 12.71 16.02 -9.52
N ALA A 255 12.86 15.71 -8.22
CA ALA A 255 13.60 14.56 -7.75
C ALA A 255 12.66 13.60 -7.02
N LEU A 256 12.92 12.30 -7.18
CA LEU A 256 12.06 11.26 -6.65
C LEU A 256 12.89 10.03 -6.28
N SER A 257 12.88 9.68 -4.98
CA SER A 257 13.46 8.46 -4.44
C SER A 257 12.38 7.39 -4.33
N LEU A 258 12.41 6.44 -5.27
CA LEU A 258 11.51 5.31 -5.21
C LEU A 258 11.86 4.45 -3.99
N SER A 259 10.82 3.89 -3.36
CA SER A 259 10.98 2.88 -2.34
C SER A 259 11.46 1.58 -2.99
N GLN A 260 11.64 0.52 -2.20
CA GLN A 260 11.98 -0.77 -2.78
C GLN A 260 10.76 -1.38 -3.46
N TYR A 261 9.59 -0.80 -3.19
CA TYR A 261 8.31 -1.32 -3.64
C TYR A 261 7.90 -0.59 -4.92
N ASN A 262 7.44 -1.39 -5.90
CA ASN A 262 6.87 -0.91 -7.15
C ASN A 262 5.59 -0.16 -6.84
N MET A 263 5.63 1.17 -7.05
CA MET A 263 4.48 2.00 -6.73
C MET A 263 3.90 2.58 -8.02
N GLY A 264 2.57 2.81 -8.01
CA GLY A 264 1.89 3.52 -9.08
C GLY A 264 2.34 4.97 -9.13
N ILE A 265 3.13 5.31 -10.15
CA ILE A 265 3.58 6.68 -10.35
C ILE A 265 3.22 7.07 -11.78
N ASN A 266 2.47 8.17 -11.93
CA ASN A 266 2.26 8.77 -13.23
C ASN A 266 2.86 10.17 -13.21
N ILE A 267 3.66 10.48 -14.24
CA ILE A 267 4.24 11.80 -14.40
C ILE A 267 3.70 12.45 -15.67
N GLU A 268 3.09 13.63 -15.49
CA GLU A 268 2.61 14.42 -16.61
C GLU A 268 3.66 15.47 -16.92
N LEU A 269 4.16 15.46 -18.17
CA LEU A 269 5.31 16.24 -18.56
C LEU A 269 4.90 17.60 -19.11
N SER A 270 5.52 18.65 -18.54
CA SER A 270 5.45 20.01 -19.05
C SER A 270 6.76 20.34 -19.75
N GLU A 271 6.75 21.41 -20.54
CA GLU A 271 7.93 21.88 -21.27
C GLU A 271 9.06 22.13 -20.28
N SER A 272 10.23 21.55 -20.58
CA SER A 272 11.47 21.77 -19.85
C SER A 272 11.46 21.15 -18.45
N ASP A 273 10.65 20.10 -18.28
CA ASP A 273 10.63 19.31 -17.06
C ASP A 273 11.89 18.44 -17.00
N VAL A 274 12.69 18.62 -15.95
CA VAL A 274 13.83 17.72 -15.72
C VAL A 274 13.53 16.86 -14.51
N TRP A 275 13.67 15.54 -14.70
CA TRP A 275 13.29 14.56 -13.70
C TRP A 275 14.49 13.68 -13.36
N ILE A 276 14.83 13.62 -12.07
CA ILE A 276 15.84 12.74 -11.54
C ILE A 276 15.15 11.71 -10.65
N ILE A 277 15.27 10.43 -11.01
CA ILE A 277 14.60 9.39 -10.24
C ILE A 277 15.65 8.44 -9.65
N ASP A 278 15.83 8.56 -8.33
CA ASP A 278 16.73 7.68 -7.59
C ASP A 278 16.12 6.29 -7.56
N VAL A 279 16.88 5.31 -8.04
CA VAL A 279 16.41 3.94 -8.14
C VAL A 279 17.30 3.02 -7.32
N ASP A 280 18.02 3.61 -6.35
CA ASP A 280 18.95 2.82 -5.56
C ASP A 280 18.19 1.75 -4.77
N ASN A 281 16.86 1.92 -4.64
CA ASN A 281 16.07 0.95 -3.90
C ASN A 281 15.49 -0.09 -4.85
N VAL A 282 15.72 0.11 -6.15
CA VAL A 282 15.13 -0.72 -7.20
C VAL A 282 16.15 -1.73 -7.71
N VAL A 283 17.42 -1.33 -7.71
CA VAL A 283 18.47 -2.06 -8.41
C VAL A 283 19.13 -3.09 -7.49
N ARG A 284 18.89 -2.97 -6.19
CA ARG A 284 19.43 -3.92 -5.22
C ARG A 284 18.27 -4.61 -4.53
N ASP A 285 18.56 -5.67 -3.77
CA ASP A 285 17.57 -6.27 -2.90
C ASP A 285 17.47 -5.38 -1.66
N VAL A 286 16.24 -5.09 -1.24
CA VAL A 286 16.02 -4.31 -0.04
C VAL A 286 15.12 -5.11 0.89
N THR A 287 15.50 -5.17 2.17
CA THR A 287 14.71 -5.83 3.19
C THR A 287 14.53 -4.87 4.35
N ILE A 288 13.74 -5.29 5.35
CA ILE A 288 13.54 -4.49 6.55
C ILE A 288 13.99 -5.31 7.76
N GLU A 289 14.85 -4.72 8.60
CA GLU A 289 15.54 -5.50 9.61
C GLU A 289 15.07 -5.14 11.02
N SER A 290 15.31 -3.90 11.44
CA SER A 290 14.79 -3.43 12.70
C SER A 290 13.91 -2.23 12.44
N ASP A 291 12.81 -2.48 11.71
CA ASP A 291 11.82 -1.48 11.32
C ASP A 291 12.49 -0.35 10.54
N LYS A 292 13.66 -0.67 9.96
CA LYS A 292 14.42 0.24 9.13
C LYS A 292 14.80 -0.48 7.84
N ILE A 293 14.94 0.31 6.76
CA ILE A 293 15.39 -0.16 5.46
C ILE A 293 16.75 -0.84 5.60
N LYS A 294 16.97 -1.91 4.81
CA LYS A 294 18.27 -2.55 4.76
C LYS A 294 18.63 -2.81 3.30
N LYS A 295 19.58 -2.01 2.79
CA LYS A 295 19.97 -2.07 1.39
C LYS A 295 20.96 -3.22 1.21
N GLY A 296 20.55 -4.22 0.42
CA GLY A 296 21.36 -5.40 0.14
C GLY A 296 22.19 -5.25 -1.14
N ASP A 297 22.45 -6.37 -1.82
CA ASP A 297 23.38 -6.38 -2.94
C ASP A 297 22.66 -6.09 -4.25
N LEU A 298 23.39 -5.47 -5.20
CA LEU A 298 22.84 -5.10 -6.49
C LEU A 298 22.46 -6.35 -7.29
N ILE A 299 21.27 -6.31 -7.90
CA ILE A 299 20.78 -7.35 -8.77
C ILE A 299 21.65 -7.39 -10.03
N GLU A 300 22.43 -8.47 -10.15
CA GLU A 300 23.19 -8.76 -11.37
C GLU A 300 22.19 -9.00 -12.50
N GLY A 301 22.39 -8.28 -13.62
CA GLY A 301 21.47 -8.35 -14.75
C GLY A 301 20.17 -7.60 -14.47
N ILE A 302 20.28 -6.54 -13.67
CA ILE A 302 19.17 -5.65 -13.39
C ILE A 302 18.72 -4.99 -14.69
N LEU A 303 19.67 -4.80 -15.62
CA LEU A 303 19.35 -4.15 -16.89
C LEU A 303 18.51 -5.09 -17.76
N SER A 304 18.50 -6.38 -17.41
CA SER A 304 17.65 -7.32 -18.13
C SER A 304 16.19 -6.92 -17.92
N THR A 305 15.91 -6.31 -16.76
CA THR A 305 14.54 -6.02 -16.35
C THR A 305 14.11 -4.66 -16.85
N LEU A 306 15.08 -3.88 -17.36
CA LEU A 306 14.77 -2.54 -17.84
C LEU A 306 14.08 -2.64 -19.19
N SER A 307 12.86 -2.11 -19.25
CA SER A 307 12.08 -2.05 -20.47
C SER A 307 11.63 -0.60 -20.67
N ILE A 308 11.96 -0.04 -21.84
CA ILE A 308 11.56 1.33 -22.14
C ILE A 308 10.58 1.32 -23.29
N GLU A 309 9.31 1.60 -22.96
CA GLU A 309 8.24 1.68 -23.92
C GLU A 309 7.78 3.13 -24.03
N GLU A 310 7.19 3.46 -25.19
CA GLU A 310 6.46 4.69 -25.45
C GLU A 310 5.67 5.09 -24.20
N ASN A 311 6.10 6.20 -23.59
CA ASN A 311 5.47 6.80 -22.42
C ASN A 311 5.50 5.86 -21.22
N LYS A 312 6.57 5.05 -21.09
CA LYS A 312 6.71 4.13 -19.97
C LYS A 312 8.18 3.78 -19.73
N ILE A 313 8.56 3.73 -18.46
CA ILE A 313 9.81 3.13 -18.01
C ILE A 313 9.45 1.98 -17.08
N ILE A 314 9.91 0.77 -17.41
CA ILE A 314 9.80 -0.36 -16.49
C ILE A 314 11.21 -0.74 -16.04
N LEU A 315 11.49 -0.56 -14.74
CA LEU A 315 12.77 -1.00 -14.21
C LEU A 315 12.52 -1.95 -13.04
N ASN A 316 13.12 -3.14 -13.13
CA ASN A 316 12.69 -4.25 -12.30
C ASN A 316 11.19 -4.42 -12.55
N SER A 317 10.39 -4.37 -11.50
CA SER A 317 8.96 -4.48 -11.71
C SER A 317 8.26 -3.14 -11.43
N HIS A 318 9.06 -2.11 -11.15
CA HIS A 318 8.57 -0.77 -10.92
C HIS A 318 8.08 -0.21 -12.25
N GLU A 319 6.96 0.54 -12.20
CA GLU A 319 6.45 1.18 -13.40
C GLU A 319 6.36 2.68 -13.19
N ILE A 320 6.84 3.42 -14.19
CA ILE A 320 6.64 4.87 -14.31
C ILE A 320 5.93 5.14 -15.64
N ASN A 321 4.67 5.59 -15.55
CA ASN A 321 3.91 5.98 -16.73
C ASN A 321 4.12 7.48 -16.96
N PHE A 322 4.08 7.88 -18.24
CA PHE A 322 4.26 9.27 -18.63
C PHE A 322 3.08 9.74 -19.47
N SER A 323 2.62 10.98 -19.20
CA SER A 323 1.59 11.62 -19.99
C SER A 323 2.02 13.04 -20.36
N GLY A 324 1.38 13.63 -21.38
CA GLY A 324 1.69 14.98 -21.81
C GLY A 324 2.70 15.02 -22.95
N GLU A 325 3.26 16.22 -23.23
CA GLU A 325 4.09 16.47 -24.39
C GLU A 325 5.49 15.93 -24.16
N VAL A 326 5.91 14.98 -24.99
CA VAL A 326 7.28 14.49 -24.92
C VAL A 326 8.06 15.07 -26.10
N ASN A 327 9.15 15.78 -25.76
CA ASN A 327 10.05 16.37 -26.74
C ASN A 327 11.46 16.48 -26.14
N GLY A 328 12.32 17.22 -26.82
CA GLY A 328 13.73 17.35 -26.45
C GLY A 328 13.94 18.06 -25.10
N SER A 329 12.90 18.75 -24.63
CA SER A 329 13.01 19.58 -23.44
C SER A 329 12.70 18.77 -22.18
N ASN A 330 12.13 17.57 -22.37
CA ASN A 330 11.54 16.85 -21.25
C ASN A 330 11.59 15.33 -21.49
N GLY A 331 12.25 14.90 -22.56
CA GLY A 331 12.26 13.50 -22.97
C GLY A 331 13.32 12.69 -22.24
N PHE A 332 14.35 13.39 -21.76
CA PHE A 332 15.50 12.77 -21.11
C PHE A 332 15.29 12.80 -19.59
N VAL A 333 15.00 11.62 -19.03
CA VAL A 333 14.87 11.45 -17.59
C VAL A 333 16.08 10.68 -17.09
N SER A 334 16.59 11.09 -15.92
CA SER A 334 17.83 10.55 -15.36
C SER A 334 17.55 9.64 -14.17
N LEU A 335 17.64 8.33 -14.41
CA LEU A 335 17.59 7.34 -13.34
C LEU A 335 18.99 7.19 -12.76
N THR A 336 19.10 7.18 -11.42
CA THR A 336 20.40 7.22 -10.76
C THR A 336 20.39 6.32 -9.52
N PHE A 337 21.54 5.73 -9.25
CA PHE A 337 21.75 4.88 -8.10
C PHE A 337 23.26 4.68 -8.09
N SER A 338 23.69 3.74 -7.27
CA SER A 338 25.09 3.58 -6.95
C SER A 338 25.48 2.13 -7.20
N ILE A 339 26.05 1.93 -8.39
CA ILE A 339 26.48 0.64 -8.89
C ILE A 339 27.45 0.02 -7.88
N LEU A 340 28.31 0.84 -7.27
CA LEU A 340 29.14 0.35 -6.18
C LEU A 340 29.25 1.47 -5.14
N GLU A 341 29.91 1.18 -4.01
CA GLU A 341 30.12 2.13 -2.95
C GLU A 341 31.18 3.11 -3.47
N GLY A 342 30.71 4.26 -3.94
CA GLY A 342 31.57 5.33 -4.43
C GLY A 342 31.49 5.53 -5.94
N ILE A 343 30.52 4.86 -6.58
CA ILE A 343 30.30 5.01 -8.02
C ILE A 343 28.83 5.36 -8.26
N ASN A 344 28.51 6.62 -8.58
CA ASN A 344 27.13 6.99 -8.83
C ASN A 344 26.85 6.83 -10.32
N ALA A 345 25.95 5.90 -10.68
CA ALA A 345 25.64 5.65 -12.09
C ALA A 345 24.34 6.35 -12.47
N ILE A 346 24.25 6.74 -13.74
CA ILE A 346 23.09 7.41 -14.31
C ILE A 346 22.64 6.61 -15.53
N ILE A 347 21.42 6.06 -15.45
CA ILE A 347 20.75 5.53 -16.62
C ILE A 347 19.92 6.64 -17.24
N GLU A 348 20.48 7.24 -18.30
CA GLU A 348 19.85 8.31 -19.05
C GLU A 348 18.92 7.72 -20.12
N VAL A 349 17.61 7.79 -19.87
CA VAL A 349 16.61 7.23 -20.76
C VAL A 349 16.07 8.34 -21.66
N ASP A 350 16.01 8.02 -22.96
CA ASP A 350 15.37 8.85 -23.96
C ASP A 350 14.00 8.22 -24.30
N LEU A 351 12.93 8.89 -23.87
CA LEU A 351 11.57 8.39 -24.04
C LEU A 351 11.20 8.38 -25.51
N LEU A 352 11.77 9.32 -26.26
CA LEU A 352 11.43 9.56 -27.65
C LEU A 352 11.84 8.36 -28.51
N SER A 353 13.05 7.85 -28.26
CA SER A 353 13.64 6.84 -29.13
C SER A 353 13.61 5.47 -28.46
N LYS A 354 13.02 5.40 -27.26
CA LYS A 354 12.95 4.17 -26.48
C LYS A 354 14.35 3.59 -26.29
N SER A 355 15.33 4.48 -26.06
CA SER A 355 16.71 4.09 -25.91
C SER A 355 17.32 4.74 -24.66
N TYR A 356 18.36 4.11 -24.12
CA TYR A 356 19.02 4.63 -22.93
C TYR A 356 20.53 4.49 -23.08
N LYS A 357 21.26 5.02 -22.09
CA LYS A 357 22.71 4.98 -22.04
C LYS A 357 23.18 5.01 -20.59
N LEU A 358 24.47 4.74 -20.36
CA LEU A 358 25.00 4.50 -19.03
C LEU A 358 26.22 5.38 -18.78
N LEU A 359 26.16 6.13 -17.67
CA LEU A 359 27.23 7.03 -17.28
C LEU A 359 27.68 6.73 -15.85
N ILE A 360 28.88 7.21 -15.51
CA ILE A 360 29.38 7.26 -14.15
C ILE A 360 29.95 8.67 -13.92
N SER A 361 29.35 9.40 -12.98
CA SER A 361 29.84 10.70 -12.57
C SER A 361 30.41 10.63 -11.14
N SER B 3 -12.53 -28.24 6.30
CA SER B 3 -11.47 -28.02 7.33
C SER B 3 -10.86 -26.64 7.16
N GLN B 4 -11.75 -25.65 6.95
CA GLN B 4 -11.48 -24.22 6.94
C GLN B 4 -10.43 -23.83 5.90
N VAL B 5 -9.30 -23.21 6.31
CA VAL B 5 -8.35 -22.56 5.41
C VAL B 5 -7.50 -23.57 4.61
N GLN B 6 -7.74 -23.66 3.28
CA GLN B 6 -7.11 -24.60 2.34
C GLN B 6 -6.73 -23.86 1.06
N LEU B 7 -5.93 -24.50 0.18
CA LEU B 7 -5.55 -23.88 -1.08
C LEU B 7 -5.42 -24.94 -2.18
N VAL B 8 -6.45 -25.76 -2.35
CA VAL B 8 -6.55 -26.88 -3.29
C VAL B 8 -6.28 -26.50 -4.76
N GLU B 9 -5.26 -27.14 -5.36
CA GLU B 9 -4.93 -26.94 -6.77
C GLU B 9 -5.47 -28.10 -7.60
N SER B 10 -5.73 -27.82 -8.88
CA SER B 10 -6.18 -28.84 -9.83
C SER B 10 -5.81 -28.44 -11.26
N GLY B 11 -5.83 -29.43 -12.17
CA GLY B 11 -5.68 -29.20 -13.60
C GLY B 11 -4.38 -29.76 -14.18
N GLY B 12 -3.58 -30.42 -13.32
CA GLY B 12 -2.31 -31.00 -13.73
C GLY B 12 -2.49 -32.38 -14.34
N GLY B 13 -1.55 -32.76 -15.22
CA GLY B 13 -1.65 -34.05 -15.87
C GLY B 13 -0.47 -34.30 -16.79
N LEU B 14 -0.77 -34.73 -18.02
CA LEU B 14 0.23 -35.04 -19.03
C LEU B 14 -0.08 -34.23 -20.29
N VAL B 15 0.96 -33.60 -20.85
CA VAL B 15 0.87 -33.00 -22.18
C VAL B 15 2.16 -33.29 -22.95
N GLN B 16 2.17 -32.86 -24.21
CA GLN B 16 3.27 -33.12 -25.13
C GLN B 16 3.89 -31.78 -25.52
N PRO B 17 5.23 -31.72 -25.75
CA PRO B 17 5.94 -30.46 -25.92
C PRO B 17 5.30 -29.49 -26.92
N GLY B 18 5.08 -28.24 -26.46
CA GLY B 18 4.43 -27.22 -27.26
C GLY B 18 2.94 -27.15 -26.95
N GLY B 19 2.49 -27.99 -26.01
CA GLY B 19 1.11 -27.98 -25.58
C GLY B 19 0.84 -26.92 -24.52
N SER B 20 -0.25 -27.09 -23.78
CA SER B 20 -0.69 -26.12 -22.79
C SER B 20 -1.86 -26.65 -21.97
N LEU B 21 -1.92 -26.26 -20.69
CA LEU B 21 -3.05 -26.50 -19.81
C LEU B 21 -3.19 -25.38 -18.76
N ARG B 22 -4.24 -25.47 -17.94
CA ARG B 22 -4.59 -24.41 -17.01
C ARG B 22 -4.79 -24.97 -15.61
N LEU B 23 -4.04 -24.40 -14.68
CA LEU B 23 -4.08 -24.85 -13.30
C LEU B 23 -5.10 -24.01 -12.56
N SER B 24 -5.76 -24.63 -11.57
CA SER B 24 -6.79 -23.98 -10.77
C SER B 24 -6.45 -24.10 -9.29
N CYS B 25 -6.86 -23.06 -8.54
CA CYS B 25 -6.63 -22.94 -7.12
C CYS B 25 -7.94 -22.48 -6.47
N GLU B 26 -8.63 -23.40 -5.79
CA GLU B 26 -9.88 -23.09 -5.12
C GLU B 26 -9.56 -22.66 -3.69
N ALA B 27 -9.32 -21.35 -3.51
CA ALA B 27 -9.05 -20.78 -2.20
C ALA B 27 -10.29 -20.89 -1.32
N SER B 28 -10.11 -21.55 -0.18
CA SER B 28 -11.24 -21.92 0.67
C SER B 28 -10.91 -21.54 2.10
N GLY B 29 -11.94 -21.10 2.84
CA GLY B 29 -11.91 -21.00 4.29
C GLY B 29 -11.34 -19.68 4.82
N PHE B 30 -11.07 -18.74 3.90
CA PHE B 30 -10.71 -17.37 4.21
C PHE B 30 -11.11 -16.49 3.03
N THR B 31 -10.73 -15.21 3.09
CA THR B 31 -11.09 -14.22 2.09
C THR B 31 -9.83 -13.80 1.34
N LEU B 32 -9.67 -14.23 0.08
CA LEU B 32 -8.40 -13.92 -0.55
C LEU B 32 -8.45 -12.59 -1.29
N ASP B 33 -9.22 -11.62 -0.80
CA ASP B 33 -9.15 -10.34 -1.47
C ASP B 33 -7.94 -9.59 -0.94
N TYR B 34 -7.41 -10.08 0.19
CA TYR B 34 -6.34 -9.43 0.92
C TYR B 34 -5.00 -10.05 0.55
N TYR B 35 -4.97 -11.38 0.43
CA TYR B 35 -3.73 -12.11 0.26
C TYR B 35 -3.28 -12.04 -1.20
N GLY B 36 -1.96 -11.93 -1.38
CA GLY B 36 -1.31 -12.23 -2.65
C GLY B 36 -1.03 -13.72 -2.77
N ILE B 37 -1.19 -14.26 -3.98
CA ILE B 37 -0.99 -15.68 -4.20
C ILE B 37 0.19 -15.90 -5.16
N GLY B 38 0.95 -16.94 -4.84
CA GLY B 38 2.05 -17.37 -5.66
C GLY B 38 1.82 -18.78 -6.22
N TRP B 39 2.55 -19.05 -7.32
CA TRP B 39 2.76 -20.36 -7.90
C TRP B 39 4.25 -20.71 -7.84
N PHE B 40 4.52 -21.90 -7.30
CA PHE B 40 5.85 -22.48 -7.23
C PHE B 40 5.84 -23.85 -7.89
N ARG B 41 7.03 -24.40 -8.17
CA ARG B 41 7.10 -25.74 -8.71
C ARG B 41 8.33 -26.47 -8.20
N GLN B 42 8.22 -27.79 -8.13
CA GLN B 42 9.37 -28.61 -7.79
C GLN B 42 9.57 -29.67 -8.87
N PRO B 43 10.56 -29.46 -9.78
CA PRO B 43 10.96 -30.50 -10.74
C PRO B 43 11.52 -31.71 -10.01
N PRO B 44 11.48 -32.93 -10.62
CA PRO B 44 12.14 -34.10 -10.05
C PRO B 44 13.58 -33.78 -9.66
N GLY B 45 13.94 -34.14 -8.42
CA GLY B 45 15.32 -34.09 -7.95
C GLY B 45 15.85 -32.67 -7.78
N LYS B 46 14.98 -31.66 -7.93
CA LYS B 46 15.42 -30.29 -7.79
C LYS B 46 14.75 -29.63 -6.58
N GLU B 47 15.19 -28.40 -6.29
CA GLU B 47 14.64 -27.55 -5.25
C GLU B 47 13.26 -27.07 -5.70
N ARG B 48 12.53 -26.47 -4.75
CA ARG B 48 11.29 -25.77 -5.08
C ARG B 48 11.68 -24.49 -5.82
N GLU B 49 10.87 -24.13 -6.80
CA GLU B 49 11.20 -23.14 -7.81
C GLU B 49 10.07 -22.13 -7.87
N ALA B 50 10.42 -20.84 -8.01
CA ALA B 50 9.46 -19.77 -8.22
C ALA B 50 8.91 -19.79 -9.65
N VAL B 51 7.59 -19.61 -9.81
CA VAL B 51 6.99 -19.61 -11.15
C VAL B 51 6.33 -18.29 -11.55
N SER B 52 5.21 -17.98 -10.90
CA SER B 52 4.55 -16.70 -11.08
C SER B 52 3.99 -16.34 -9.72
N TYR B 53 3.63 -15.05 -9.57
CA TYR B 53 3.07 -14.55 -8.33
C TYR B 53 2.14 -13.37 -8.61
N ILE B 54 0.83 -13.55 -8.37
CA ILE B 54 -0.08 -12.42 -8.47
C ILE B 54 -0.35 -11.84 -7.08
N SER B 55 -0.25 -10.51 -7.01
CA SER B 55 -0.54 -9.71 -5.84
C SER B 55 -2.06 -9.63 -5.67
N ALA B 56 -2.53 -9.33 -4.46
CA ALA B 56 -3.93 -8.97 -4.26
C ALA B 56 -4.21 -7.71 -5.07
N SER B 57 -5.21 -7.75 -5.96
CA SER B 57 -5.57 -6.55 -6.72
C SER B 57 -4.76 -6.37 -8.00
N ALA B 58 -4.16 -7.44 -8.55
CA ALA B 58 -3.22 -7.35 -9.66
C ALA B 58 -2.10 -6.36 -9.29
N ARG B 59 -1.77 -5.45 -10.22
CA ARG B 59 -0.83 -4.35 -10.02
C ARG B 59 0.58 -4.87 -9.77
N THR B 60 0.70 -6.18 -9.63
CA THR B 60 2.00 -6.81 -9.45
C THR B 60 1.83 -8.25 -9.91
N ILE B 61 2.00 -8.43 -11.21
CA ILE B 61 1.98 -9.73 -11.83
C ILE B 61 3.44 -9.99 -12.19
N LEU B 62 4.04 -10.99 -11.55
CA LEU B 62 5.46 -11.30 -11.72
C LEU B 62 5.57 -12.72 -12.24
N TYR B 63 6.52 -12.96 -13.15
CA TYR B 63 6.78 -14.30 -13.65
C TYR B 63 8.29 -14.56 -13.58
N ALA B 64 8.66 -15.82 -13.35
CA ALA B 64 10.04 -16.27 -13.39
C ALA B 64 10.53 -16.31 -14.83
N ASP B 65 11.83 -16.09 -15.04
CA ASP B 65 12.41 -15.95 -16.38
C ASP B 65 12.15 -17.17 -17.26
N SER B 66 12.01 -18.36 -16.65
CA SER B 66 11.77 -19.63 -17.34
C SER B 66 10.41 -19.64 -18.04
N VAL B 67 9.42 -18.89 -17.54
CA VAL B 67 8.06 -19.01 -18.05
C VAL B 67 7.54 -17.72 -18.69
N LYS B 68 8.31 -16.63 -18.57
CA LYS B 68 7.94 -15.37 -19.19
C LYS B 68 7.51 -15.62 -20.64
N GLY B 69 6.42 -14.98 -21.05
CA GLY B 69 5.88 -15.12 -22.39
C GLY B 69 4.92 -16.30 -22.51
N ARG B 70 5.17 -17.36 -21.73
CA ARG B 70 4.41 -18.60 -21.89
C ARG B 70 3.24 -18.67 -20.90
N PHE B 71 3.55 -18.55 -19.60
CA PHE B 71 2.52 -18.64 -18.57
C PHE B 71 1.83 -17.30 -18.36
N THR B 72 0.56 -17.36 -17.95
CA THR B 72 -0.25 -16.19 -17.64
C THR B 72 -1.07 -16.47 -16.38
N ILE B 73 -0.97 -15.54 -15.42
CA ILE B 73 -1.60 -15.64 -14.12
C ILE B 73 -2.78 -14.66 -14.03
N SER B 74 -3.81 -15.06 -13.30
CA SER B 74 -5.07 -14.35 -13.20
C SER B 74 -5.79 -14.84 -11.95
N ARG B 75 -6.68 -14.01 -11.40
CA ARG B 75 -7.37 -14.35 -10.17
C ARG B 75 -8.78 -13.76 -10.24
N ASP B 76 -9.75 -14.51 -9.72
CA ASP B 76 -11.09 -13.98 -9.58
C ASP B 76 -11.33 -13.88 -8.09
N ASN B 77 -11.10 -12.71 -7.50
CA ASN B 77 -11.34 -12.55 -6.07
C ASN B 77 -12.78 -12.97 -5.78
N ALA B 78 -13.71 -12.36 -6.53
CA ALA B 78 -15.13 -12.66 -6.50
C ALA B 78 -15.40 -14.15 -6.39
N LYS B 79 -14.82 -14.97 -7.28
CA LYS B 79 -15.10 -16.40 -7.26
C LYS B 79 -13.99 -17.18 -6.54
N ASN B 80 -13.24 -16.48 -5.68
CA ASN B 80 -12.15 -16.92 -4.80
C ASN B 80 -11.23 -18.01 -5.38
N ALA B 81 -10.74 -17.79 -6.61
CA ALA B 81 -9.83 -18.72 -7.27
C ALA B 81 -8.77 -17.96 -8.06
N VAL B 82 -7.54 -18.48 -8.07
CA VAL B 82 -6.45 -17.98 -8.90
C VAL B 82 -6.19 -19.02 -10.00
N TYR B 83 -5.71 -18.56 -11.16
CA TYR B 83 -5.49 -19.41 -12.32
C TYR B 83 -4.10 -19.18 -12.89
N LEU B 84 -3.51 -20.25 -13.44
CA LEU B 84 -2.29 -20.13 -14.22
C LEU B 84 -2.46 -20.89 -15.55
N GLN B 85 -2.57 -20.10 -16.63
CA GLN B 85 -2.61 -20.61 -17.99
C GLN B 85 -1.19 -20.88 -18.47
N MET B 86 -0.95 -22.12 -18.90
CA MET B 86 0.37 -22.55 -19.33
C MET B 86 0.34 -22.88 -20.81
N ASN B 87 1.30 -22.31 -21.54
CA ASN B 87 1.38 -22.40 -22.99
C ASN B 87 2.79 -22.83 -23.38
N SER B 88 2.92 -23.43 -24.57
CA SER B 88 4.20 -23.83 -25.10
C SER B 88 4.95 -24.63 -24.04
N LEU B 89 4.34 -25.73 -23.59
CA LEU B 89 4.89 -26.54 -22.51
C LEU B 89 6.11 -27.30 -23.00
N LYS B 90 7.26 -27.04 -22.37
CA LYS B 90 8.49 -27.76 -22.65
C LYS B 90 8.61 -28.90 -21.66
N ARG B 91 9.61 -29.77 -21.88
CA ARG B 91 9.84 -30.88 -20.97
C ARG B 91 10.48 -30.38 -19.69
N GLU B 92 11.05 -29.17 -19.73
CA GLU B 92 11.70 -28.65 -18.53
C GLU B 92 10.66 -28.19 -17.52
N ASP B 93 9.40 -28.10 -17.98
CA ASP B 93 8.30 -27.64 -17.15
C ASP B 93 7.73 -28.81 -16.34
N THR B 94 8.32 -29.99 -16.49
CA THR B 94 7.86 -31.15 -15.76
C THR B 94 8.21 -30.98 -14.28
N ALA B 95 7.17 -30.82 -13.45
CA ALA B 95 7.33 -30.51 -12.05
C ALA B 95 6.02 -30.77 -11.29
N VAL B 96 6.06 -30.54 -9.97
CA VAL B 96 4.86 -30.53 -9.15
C VAL B 96 4.57 -29.06 -8.83
N TYR B 97 3.45 -28.54 -9.36
CA TYR B 97 3.12 -27.13 -9.20
C TYR B 97 2.33 -26.91 -7.93
N TYR B 98 2.72 -25.88 -7.16
CA TYR B 98 2.09 -25.50 -5.90
C TYR B 98 1.55 -24.08 -5.97
N CYS B 99 0.44 -23.88 -5.25
CA CYS B 99 -0.21 -22.62 -4.96
C CYS B 99 -0.06 -22.32 -3.47
N ALA B 100 0.24 -21.05 -3.18
CA ALA B 100 0.60 -20.63 -1.84
C ALA B 100 0.18 -19.17 -1.61
N ARG B 101 -0.23 -18.84 -0.37
CA ARG B 101 -0.65 -17.48 -0.07
C ARG B 101 0.45 -16.74 0.69
N ARG B 102 0.74 -15.52 0.20
CA ARG B 102 1.79 -14.71 0.77
C ARG B 102 1.21 -14.09 2.02
N ARG B 103 1.95 -14.20 3.11
CA ARG B 103 1.58 -13.59 4.38
C ARG B 103 1.23 -12.14 4.10
N PHE B 104 0.25 -11.61 4.85
CA PHE B 104 -0.30 -10.28 4.66
C PHE B 104 0.71 -9.18 4.99
N SER B 105 1.71 -9.52 5.84
CA SER B 105 2.67 -8.60 6.42
C SER B 105 4.07 -8.69 5.79
N ALA B 106 4.21 -9.38 4.66
CA ALA B 106 5.51 -9.65 4.06
C ALA B 106 6.17 -8.35 3.61
N SER B 107 7.26 -7.96 4.32
CA SER B 107 8.00 -6.75 4.01
C SER B 107 9.33 -7.13 3.38
N SER B 108 9.24 -7.73 2.19
CA SER B 108 10.38 -8.18 1.42
C SER B 108 10.01 -8.02 -0.04
N VAL B 109 10.95 -7.60 -0.88
CA VAL B 109 10.62 -7.37 -2.27
C VAL B 109 10.76 -8.68 -3.03
N ASN B 110 11.37 -9.68 -2.40
CA ASN B 110 11.52 -10.92 -3.15
C ASN B 110 10.16 -11.46 -3.57
N ARG B 111 9.22 -11.60 -2.62
CA ARG B 111 7.89 -12.03 -2.98
C ARG B 111 7.83 -13.52 -3.35
N TRP B 112 8.88 -14.26 -3.00
CA TRP B 112 8.87 -15.70 -3.18
C TRP B 112 9.54 -16.42 -2.00
N LEU B 113 9.74 -15.73 -0.88
CA LEU B 113 10.70 -16.17 0.13
C LEU B 113 10.35 -17.43 0.91
N ALA B 114 9.12 -17.96 0.77
CA ALA B 114 8.80 -19.28 1.28
C ALA B 114 8.78 -19.26 2.81
N ASP B 115 9.08 -18.10 3.40
CA ASP B 115 8.91 -17.94 4.83
C ASP B 115 7.83 -16.88 4.95
N ASP B 116 7.58 -16.25 3.79
CA ASP B 116 6.54 -15.24 3.66
C ASP B 116 5.27 -15.89 3.17
N TYR B 117 5.12 -17.22 3.30
CA TYR B 117 3.93 -17.91 2.83
C TYR B 117 3.36 -18.71 3.99
N ASP B 118 2.03 -18.67 4.20
CA ASP B 118 1.45 -19.31 5.37
C ASP B 118 0.59 -20.53 5.02
N VAL B 119 -0.17 -20.48 3.93
CA VAL B 119 -0.92 -21.66 3.51
C VAL B 119 -0.35 -22.19 2.20
N TRP B 120 -0.21 -23.52 2.11
CA TRP B 120 0.34 -24.25 0.98
C TRP B 120 -0.64 -25.37 0.62
N GLY B 121 -0.87 -25.55 -0.69
CA GLY B 121 -1.77 -26.57 -1.21
C GLY B 121 -1.13 -27.95 -1.27
N ARG B 122 -1.74 -28.88 -2.01
CA ARG B 122 -1.05 -30.16 -2.03
C ARG B 122 -0.21 -30.23 -3.29
N GLY B 123 -0.34 -29.23 -4.16
CA GLY B 123 0.28 -29.30 -5.47
C GLY B 123 -0.49 -30.22 -6.41
N THR B 124 -0.33 -29.95 -7.70
CA THR B 124 -0.75 -30.86 -8.76
C THR B 124 0.48 -31.10 -9.64
N GLN B 125 0.72 -32.35 -10.06
CA GLN B 125 1.87 -32.64 -10.90
C GLN B 125 1.54 -32.34 -12.35
N VAL B 126 2.54 -31.81 -13.05
CA VAL B 126 2.49 -31.67 -14.49
C VAL B 126 3.70 -32.37 -15.09
N ALA B 127 3.43 -33.36 -15.96
CA ALA B 127 4.46 -33.96 -16.79
C ALA B 127 4.24 -33.54 -18.23
N VAL B 128 5.34 -33.40 -18.97
CA VAL B 128 5.27 -33.04 -20.38
C VAL B 128 6.13 -34.02 -21.17
N SER B 129 5.46 -34.92 -21.90
CA SER B 129 6.08 -35.89 -22.80
C SER B 129 5.07 -36.40 -23.83
N SER B 130 5.47 -36.37 -25.11
CA SER B 130 4.70 -36.91 -26.22
C SER B 130 4.85 -38.43 -26.29
#